data_3LP3
#
_entry.id   3LP3
#
_cell.length_a   51.256
_cell.length_b   51.256
_cell.length_c   112.773
_cell.angle_alpha   90.00
_cell.angle_beta   90.00
_cell.angle_gamma   120.00
#
_symmetry.space_group_name_H-M   'P 31'
#
loop_
_entity.id
_entity.type
_entity.pdbx_description
1 polymer p15
2 non-polymer 'MANGANESE (II) ION'
3 non-polymer 3-[4-(diethylamino)phenoxy]-6-(ethoxycarbonyl)-5,8-dihydroxy-7-oxo-7,8-dihydro-1,8-naphthyridin-1-ium
4 water water
#
_entity_poly.entity_id   1
_entity_poly.type   'polypeptide(L)'
_entity_poly.pdbx_seq_one_letter_code
;GSYQLEKEPIVGAETFYVDGAANRETKLGKAGYVTNKGRQKVVPLTNTTNQKTELQAIYLALQDSGLEVNIVTDSQYALG
IIQAQPDKSESELVNQIIEQLIKKEKVYLAWVPAHKGIGGNEQVDKLVSAGIRKILFL
;
_entity_poly.pdbx_strand_id   A,B
#
loop_
_chem_comp.id
_chem_comp.type
_chem_comp.name
_chem_comp.formula
LP9 non-polymer 3-[4-(diethylamino)phenoxy]-6-(ethoxycarbonyl)-5,8-dihydroxy-7-oxo-7,8-dihydro-1,8-naphthyridin-1-ium 'C21 H23 N3 O6'
MN non-polymer 'MANGANESE (II) ION' 'Mn 2'
#
# COMPACT_ATOMS: atom_id res chain seq x y z
N SER A 2 -27.83 0.26 2.53
CA SER A 2 -27.26 1.58 2.11
C SER A 2 -26.20 1.44 1.01
N TYR A 3 -26.04 0.21 0.50
CA TYR A 3 -25.17 -0.06 -0.65
C TYR A 3 -25.71 -1.21 -1.50
N GLN A 4 -25.23 -1.27 -2.74
CA GLN A 4 -25.59 -2.35 -3.66
C GLN A 4 -24.39 -2.69 -4.54
N LEU A 5 -24.34 -3.94 -5.00
CA LEU A 5 -23.26 -4.39 -5.89
C LEU A 5 -23.69 -4.32 -7.35
N GLU A 6 -22.83 -3.77 -8.20
CA GLU A 6 -23.06 -3.81 -9.64
C GLU A 6 -23.01 -5.24 -10.17
N LYS A 7 -23.91 -5.55 -11.09
CA LYS A 7 -23.96 -6.88 -11.70
C LYS A 7 -22.88 -7.05 -12.76
N GLU A 8 -22.30 -5.94 -13.21
CA GLU A 8 -21.29 -5.95 -14.26
C GLU A 8 -20.05 -5.14 -13.84
N PRO A 9 -18.87 -5.49 -14.41
CA PRO A 9 -17.69 -4.63 -14.25
C PRO A 9 -17.97 -3.18 -14.66
N ILE A 10 -17.43 -2.26 -13.87
CA ILE A 10 -17.69 -0.82 -14.04
C ILE A 10 -16.67 -0.22 -15.01
N VAL A 11 -17.15 0.18 -16.17
CA VAL A 11 -16.31 0.74 -17.21
C VAL A 11 -15.62 2.01 -16.71
N GLY A 12 -14.28 1.98 -16.71
CA GLY A 12 -13.48 3.11 -16.26
C GLY A 12 -12.84 2.93 -14.90
N ALA A 13 -13.45 2.08 -14.07
CA ALA A 13 -12.99 1.84 -12.69
C ALA A 13 -11.82 0.89 -12.64
N GLU A 14 -11.01 1.02 -11.59
CA GLU A 14 -9.82 0.21 -11.39
C GLU A 14 -10.18 -1.16 -10.81
N THR A 15 -9.55 -2.21 -11.33
CA THR A 15 -9.79 -3.57 -10.86
C THR A 15 -8.78 -3.97 -9.79
N PHE A 16 -9.28 -4.23 -8.59
CA PHE A 16 -8.45 -4.61 -7.45
C PHE A 16 -8.51 -6.12 -7.17
N TYR A 17 -7.42 -6.81 -7.49
CA TYR A 17 -7.30 -8.24 -7.16
C TYR A 17 -6.80 -8.39 -5.74
N VAL A 18 -7.66 -8.92 -4.88
CA VAL A 18 -7.35 -9.07 -3.46
C VAL A 18 -7.03 -10.52 -3.10
N ASP A 19 -6.35 -10.69 -1.97
CA ASP A 19 -6.07 -12.01 -1.40
C ASP A 19 -5.50 -11.90 0.00
N GLY A 20 -5.62 -12.99 0.75
CA GLY A 20 -5.05 -13.10 2.08
C GLY A 20 -4.40 -14.45 2.27
N ALA A 21 -3.62 -14.58 3.32
CA ALA A 21 -2.96 -15.83 3.68
C ALA A 21 -2.70 -15.85 5.17
N ALA A 22 -3.00 -16.97 5.81
CA ALA A 22 -2.75 -17.13 7.24
C ALA A 22 -2.02 -18.43 7.54
N ASN A 23 -1.01 -18.34 8.39
CA ASN A 23 -0.35 -19.52 8.92
C ASN A 23 -1.08 -20.00 10.16
N ARG A 24 -1.58 -21.23 10.12
CA ARG A 24 -2.47 -21.75 11.15
C ARG A 24 -1.82 -21.95 12.52
N GLU A 25 -0.54 -22.34 12.53
CA GLU A 25 0.19 -22.56 13.77
C GLU A 25 0.60 -21.25 14.46
N THR A 26 1.17 -20.33 13.68
CA THR A 26 1.72 -19.07 14.20
C THR A 26 0.70 -17.94 14.27
N LYS A 27 -0.45 -18.14 13.60
CA LYS A 27 -1.51 -17.13 13.48
C LYS A 27 -1.05 -15.85 12.77
N LEU A 28 0.04 -15.96 12.02
CA LEU A 28 0.57 -14.85 11.25
C LEU A 28 0.03 -14.86 9.83
N GLY A 29 -0.32 -13.68 9.35
CA GLY A 29 -0.85 -13.55 8.00
C GLY A 29 -0.58 -12.21 7.32
N LYS A 30 -0.71 -12.21 6.00
CA LYS A 30 -0.61 -11.01 5.20
C LYS A 30 -1.89 -10.79 4.38
N ALA A 31 -2.21 -9.53 4.13
CA ALA A 31 -3.36 -9.17 3.30
C ALA A 31 -2.97 -8.05 2.33
N GLY A 32 -3.45 -8.13 1.09
CA GLY A 32 -3.15 -7.09 0.11
C GLY A 32 -3.89 -7.16 -1.20
N TYR A 33 -3.48 -6.29 -2.13
CA TYR A 33 -4.08 -6.24 -3.46
C TYR A 33 -3.06 -5.94 -4.56
N VAL A 34 -3.46 -6.24 -5.80
CA VAL A 34 -2.74 -5.86 -7.01
C VAL A 34 -3.80 -5.34 -7.96
N THR A 35 -3.51 -4.25 -8.66
CA THR A 35 -4.46 -3.70 -9.63
C THR A 35 -3.95 -3.82 -11.06
N ASN A 36 -4.84 -3.63 -12.03
CA ASN A 36 -4.47 -3.61 -13.43
C ASN A 36 -3.74 -2.32 -13.84
N LYS A 37 -3.57 -1.43 -12.87
CA LYS A 37 -2.85 -0.17 -13.08
C LYS A 37 -1.50 -0.11 -12.36
N GLY A 38 -1.08 -1.23 -11.79
CA GLY A 38 0.23 -1.33 -11.13
C GLY A 38 0.23 -0.87 -9.69
N ARG A 39 -0.94 -0.57 -9.13
CA ARG A 39 -1.07 -0.24 -7.72
C ARG A 39 -1.04 -1.51 -6.89
N GLN A 40 -0.28 -1.48 -5.79
CA GLN A 40 -0.12 -2.63 -4.90
C GLN A 40 -0.11 -2.23 -3.44
N LYS A 41 -0.48 -3.17 -2.58
CA LYS A 41 -0.31 -3.04 -1.13
C LYS A 41 -0.28 -4.42 -0.48
N VAL A 42 0.62 -4.59 0.49
CA VAL A 42 0.65 -5.77 1.35
C VAL A 42 0.81 -5.30 2.79
N VAL A 43 -0.09 -5.74 3.66
CA VAL A 43 -0.06 -5.35 5.06
C VAL A 43 0.28 -6.59 5.93
N PRO A 44 0.96 -6.38 7.07
CA PRO A 44 1.12 -7.50 8.00
C PRO A 44 0.00 -7.59 9.05
N LEU A 45 -0.41 -8.80 9.37
CA LEU A 45 -1.43 -9.03 10.40
C LEU A 45 -1.02 -10.13 11.38
N THR A 46 -1.21 -9.88 12.67
CA THR A 46 -0.88 -10.84 13.72
C THR A 46 -2.15 -11.41 14.39
N ASN A 47 -2.08 -12.67 14.80
CA ASN A 47 -3.23 -13.40 15.38
C ASN A 47 -4.50 -13.33 14.54
N THR A 48 -4.55 -14.15 13.49
CA THR A 48 -5.57 -14.03 12.44
C THR A 48 -5.85 -15.34 11.72
N THR A 49 -6.92 -15.36 10.92
CA THR A 49 -7.30 -16.51 10.11
C THR A 49 -7.39 -16.08 8.65
N ASN A 50 -7.39 -17.05 7.73
CA ASN A 50 -7.53 -16.75 6.30
C ASN A 50 -8.74 -15.86 6.01
N GLN A 51 -9.89 -16.28 6.52
CA GLN A 51 -11.14 -15.51 6.42
C GLN A 51 -10.92 -14.03 6.73
N LYS A 52 -10.38 -13.74 7.91
CA LYS A 52 -10.10 -12.38 8.34
C LYS A 52 -9.13 -11.65 7.41
N THR A 53 -8.10 -12.35 6.94
CA THR A 53 -7.13 -11.73 6.03
C THR A 53 -7.79 -11.38 4.69
N GLU A 54 -8.70 -12.25 4.25
CA GLU A 54 -9.46 -12.04 3.01
C GLU A 54 -10.37 -10.83 3.11
N LEU A 55 -11.05 -10.68 4.25
CA LEU A 55 -11.86 -9.50 4.52
C LEU A 55 -11.00 -8.24 4.60
N GLN A 56 -9.81 -8.38 5.19
CA GLN A 56 -8.89 -7.27 5.39
C GLN A 56 -8.37 -6.76 4.05
N ALA A 57 -8.10 -7.69 3.14
CA ALA A 57 -7.66 -7.37 1.78
C ALA A 57 -8.69 -6.52 1.04
N ILE A 58 -9.96 -6.85 1.22
CA ILE A 58 -11.06 -6.11 0.63
C ILE A 58 -11.16 -4.71 1.26
N TYR A 59 -10.95 -4.63 2.57
CA TYR A 59 -10.97 -3.36 3.29
C TYR A 59 -9.90 -2.44 2.75
N LEU A 60 -8.71 -3.00 2.53
CA LEU A 60 -7.58 -2.30 1.93
C LEU A 60 -7.94 -1.77 0.54
N ALA A 61 -8.52 -2.64 -0.28
CA ALA A 61 -8.95 -2.28 -1.64
C ALA A 61 -9.99 -1.17 -1.63
N LEU A 62 -10.95 -1.25 -0.71
CA LEU A 62 -11.98 -0.22 -0.56
C LEU A 62 -11.38 1.10 -0.10
N GLN A 63 -10.46 1.05 0.85
CA GLN A 63 -9.81 2.26 1.36
C GLN A 63 -8.93 2.98 0.35
N ASP A 64 -8.27 2.23 -0.54
CA ASP A 64 -7.28 2.80 -1.44
C ASP A 64 -7.80 3.04 -2.87
N SER A 65 -9.12 3.09 -3.02
CA SER A 65 -9.74 3.20 -4.34
C SER A 65 -10.62 4.43 -4.45
N GLY A 66 -10.92 4.83 -5.68
CA GLY A 66 -11.83 5.95 -5.94
C GLY A 66 -13.27 5.63 -5.60
N LEU A 67 -14.18 6.48 -6.05
CA LEU A 67 -15.61 6.30 -5.81
C LEU A 67 -16.23 5.13 -6.60
N GLU A 68 -15.44 4.53 -7.50
CA GLU A 68 -15.87 3.37 -8.28
C GLU A 68 -14.82 2.26 -8.28
N VAL A 69 -15.22 1.05 -7.87
CA VAL A 69 -14.29 -0.10 -7.83
C VAL A 69 -14.80 -1.42 -8.37
N ASN A 70 -13.91 -2.10 -9.08
CA ASN A 70 -14.07 -3.52 -9.36
C ASN A 70 -13.13 -4.27 -8.45
N ILE A 71 -13.68 -5.22 -7.69
CA ILE A 71 -12.88 -6.04 -6.79
C ILE A 71 -13.08 -7.51 -7.13
N VAL A 72 -11.99 -8.23 -7.34
CA VAL A 72 -12.09 -9.68 -7.52
C VAL A 72 -11.39 -10.46 -6.41
N THR A 73 -12.13 -11.36 -5.80
CA THR A 73 -11.68 -12.11 -4.63
C THR A 73 -11.84 -13.60 -4.89
N ASP A 74 -11.04 -14.41 -4.20
CA ASP A 74 -11.20 -15.87 -4.26
C ASP A 74 -11.82 -16.41 -2.97
N SER A 75 -12.43 -15.50 -2.21
CA SER A 75 -13.02 -15.85 -0.92
C SER A 75 -14.54 -15.97 -1.00
N GLN A 76 -15.03 -17.20 -0.99
CA GLN A 76 -16.47 -17.47 -0.94
C GLN A 76 -17.09 -16.95 0.37
N TYR A 77 -16.30 -17.01 1.43
CA TYR A 77 -16.67 -16.53 2.75
C TYR A 77 -17.00 -15.03 2.75
N ALA A 78 -16.10 -14.24 2.16
CA ALA A 78 -16.23 -12.78 2.15
C ALA A 78 -17.29 -12.34 1.14
N LEU A 79 -17.34 -13.02 0.00
CA LEU A 79 -18.40 -12.84 -0.99
C LEU A 79 -19.77 -13.02 -0.34
N GLY A 80 -19.90 -14.08 0.46
CA GLY A 80 -21.14 -14.37 1.18
C GLY A 80 -21.62 -13.20 2.00
N ILE A 81 -20.73 -12.67 2.85
CA ILE A 81 -21.06 -11.55 3.74
C ILE A 81 -21.46 -10.29 2.97
N ILE A 82 -20.68 -9.94 1.95
CA ILE A 82 -20.89 -8.69 1.21
C ILE A 82 -22.11 -8.76 0.31
N GLN A 83 -22.36 -9.93 -0.30
CA GLN A 83 -23.57 -10.12 -1.11
C GLN A 83 -24.85 -10.17 -0.26
N ALA A 84 -24.72 -10.61 0.99
CA ALA A 84 -25.84 -10.63 1.92
C ALA A 84 -26.36 -9.22 2.23
N GLN A 85 -25.53 -8.20 1.96
CA GLN A 85 -25.87 -6.80 2.21
C GLN A 85 -26.44 -6.54 3.62
N PRO A 86 -25.64 -6.82 4.68
CA PRO A 86 -26.15 -6.55 6.02
C PRO A 86 -25.99 -5.07 6.36
N ASP A 87 -26.87 -4.58 7.22
CA ASP A 87 -26.78 -3.19 7.69
C ASP A 87 -25.79 -3.06 8.84
N LYS A 88 -25.79 -4.05 9.74
CA LYS A 88 -24.84 -4.08 10.86
C LYS A 88 -24.47 -5.52 11.21
N SER A 89 -23.20 -5.72 11.57
CA SER A 89 -22.67 -7.03 11.90
C SER A 89 -22.15 -7.07 13.34
N GLU A 90 -21.80 -8.27 13.82
CA GLU A 90 -21.15 -8.44 15.11
C GLU A 90 -19.63 -8.26 14.99
N SER A 91 -19.13 -8.25 13.75
CA SER A 91 -17.71 -8.09 13.49
C SER A 91 -17.34 -6.63 13.24
N GLU A 92 -16.33 -6.18 13.97
CA GLU A 92 -15.79 -4.83 13.82
C GLU A 92 -15.26 -4.61 12.39
N LEU A 93 -14.47 -5.57 11.92
CA LEU A 93 -13.90 -5.52 10.56
C LEU A 93 -14.98 -5.42 9.49
N VAL A 94 -16.06 -6.18 9.65
CA VAL A 94 -17.16 -6.18 8.68
C VAL A 94 -17.91 -4.85 8.70
N ASN A 95 -18.15 -4.31 9.90
CA ASN A 95 -18.78 -3.00 10.06
C ASN A 95 -17.97 -1.89 9.40
N GLN A 96 -16.65 -1.99 9.48
CA GLN A 96 -15.75 -1.07 8.79
C GLN A 96 -15.87 -1.20 7.27
N ILE A 97 -16.06 -2.43 6.79
CA ILE A 97 -16.22 -2.70 5.36
C ILE A 97 -17.58 -2.18 4.86
N ILE A 98 -18.64 -2.49 5.60
CA ILE A 98 -19.99 -2.03 5.28
C ILE A 98 -20.01 -0.52 5.03
N GLU A 99 -19.47 0.26 5.97
CA GLU A 99 -19.48 1.71 5.86
C GLU A 99 -18.63 2.23 4.69
N GLN A 100 -17.56 1.50 4.36
CA GLN A 100 -16.73 1.81 3.19
C GLN A 100 -17.51 1.66 1.88
N LEU A 101 -18.37 0.62 1.83
CA LEU A 101 -19.17 0.34 0.65
C LEU A 101 -20.25 1.39 0.43
N ILE A 102 -20.80 1.91 1.53
CA ILE A 102 -21.81 2.96 1.50
C ILE A 102 -21.22 4.26 0.97
N LYS A 103 -19.95 4.52 1.28
CA LYS A 103 -19.22 5.69 0.81
C LYS A 103 -19.06 5.69 -0.71
N LYS A 104 -19.20 4.51 -1.33
CA LYS A 104 -18.91 4.34 -2.76
C LYS A 104 -20.12 4.63 -3.65
N GLU A 105 -19.84 5.15 -4.85
CA GLU A 105 -20.86 5.36 -5.87
C GLU A 105 -21.27 4.02 -6.46
N LYS A 106 -20.26 3.25 -6.89
CA LYS A 106 -20.47 1.96 -7.53
C LYS A 106 -19.40 0.98 -7.08
N VAL A 107 -19.84 -0.24 -6.74
CA VAL A 107 -18.95 -1.32 -6.32
C VAL A 107 -19.33 -2.60 -7.07
N TYR A 108 -18.33 -3.21 -7.72
CA TYR A 108 -18.49 -4.50 -8.35
C TYR A 108 -17.56 -5.51 -7.66
N LEU A 109 -18.14 -6.61 -7.19
CA LEU A 109 -17.40 -7.67 -6.51
C LEU A 109 -17.56 -8.98 -7.27
N ALA A 110 -16.48 -9.46 -7.89
CA ALA A 110 -16.50 -10.72 -8.59
C ALA A 110 -15.74 -11.79 -7.79
N TRP A 111 -16.20 -13.04 -7.91
CA TRP A 111 -15.49 -14.18 -7.32
C TRP A 111 -14.77 -14.97 -8.40
N VAL A 112 -13.55 -15.39 -8.08
CA VAL A 112 -12.74 -16.18 -8.99
C VAL A 112 -12.13 -17.34 -8.17
N PRO A 113 -11.94 -18.52 -8.80
CA PRO A 113 -11.33 -19.62 -8.04
C PRO A 113 -9.84 -19.44 -7.82
N ALA A 114 -9.37 -19.80 -6.63
CA ALA A 114 -7.94 -19.70 -6.30
C ALA A 114 -7.09 -20.72 -7.06
N HIS A 115 -5.88 -20.31 -7.43
CA HIS A 115 -4.90 -21.17 -8.09
C HIS A 115 -5.43 -21.85 -9.36
N LYS A 116 -6.06 -21.06 -10.23
CA LYS A 116 -6.52 -21.57 -11.52
C LYS A 116 -6.05 -20.69 -12.68
N GLY A 117 -4.94 -19.99 -12.45
CA GLY A 117 -4.25 -19.25 -13.50
C GLY A 117 -4.80 -17.88 -13.84
N ILE A 118 -5.66 -17.34 -12.97
CA ILE A 118 -6.16 -15.98 -13.15
C ILE A 118 -5.04 -15.01 -12.76
N GLY A 119 -4.48 -14.34 -13.76
CA GLY A 119 -3.29 -13.50 -13.62
C GLY A 119 -3.25 -12.63 -12.38
N GLY A 120 -4.24 -11.73 -12.27
CA GLY A 120 -4.34 -10.84 -11.13
C GLY A 120 -4.43 -11.56 -9.80
N ASN A 121 -5.20 -12.65 -9.77
CA ASN A 121 -5.35 -13.48 -8.56
C ASN A 121 -4.05 -14.14 -8.15
N GLU A 122 -3.33 -14.71 -9.12
CA GLU A 122 -2.04 -15.37 -8.88
C GLU A 122 -0.98 -14.37 -8.42
N GLN A 123 -0.96 -13.20 -9.06
CA GLN A 123 -0.05 -12.12 -8.68
C GLN A 123 -0.17 -11.75 -7.20
N VAL A 124 -1.40 -11.50 -6.77
CA VAL A 124 -1.67 -11.09 -5.38
C VAL A 124 -1.49 -12.26 -4.38
N ASP A 125 -1.79 -13.48 -4.84
CA ASP A 125 -1.55 -14.69 -4.06
C ASP A 125 -0.06 -14.84 -3.76
N LYS A 126 0.75 -14.76 -4.82
CA LYS A 126 2.20 -14.89 -4.73
C LYS A 126 2.83 -13.89 -3.75
N LEU A 127 2.23 -12.69 -3.66
CA LEU A 127 2.70 -11.65 -2.74
C LEU A 127 2.33 -11.96 -1.28
N VAL A 128 1.05 -12.26 -1.04
CA VAL A 128 0.55 -12.51 0.31
C VAL A 128 0.99 -13.88 0.87
N SER A 129 1.26 -14.83 -0.03
CA SER A 129 1.69 -16.17 0.38
C SER A 129 3.16 -16.20 0.82
N ALA A 130 4.00 -15.41 0.16
CA ALA A 130 5.43 -15.35 0.46
C ALA A 130 5.70 -15.10 1.95
N GLY A 131 6.28 -16.11 2.60
CA GLY A 131 6.61 -16.04 4.02
C GLY A 131 5.54 -16.57 4.95
N ILE A 132 4.52 -17.23 4.41
CA ILE A 132 3.45 -17.84 5.22
C ILE A 132 3.19 -19.30 4.83
N SER B 2 10.66 22.81 14.28
CA SER B 2 9.30 22.25 14.09
C SER B 2 9.31 20.72 13.98
N TYR B 3 10.43 20.18 13.48
CA TYR B 3 10.77 18.75 13.61
C TYR B 3 12.28 18.57 13.73
N GLN B 4 12.70 17.52 14.42
CA GLN B 4 14.13 17.19 14.55
C GLN B 4 14.40 15.76 14.08
N LEU B 5 15.45 15.59 13.28
CA LEU B 5 15.85 14.26 12.80
C LEU B 5 16.66 13.51 13.85
N GLU B 6 16.44 12.20 13.94
CA GLU B 6 17.24 11.35 14.80
C GLU B 6 18.65 11.22 14.22
N LYS B 7 19.65 11.15 15.10
CA LYS B 7 21.01 10.96 14.66
C LYS B 7 21.31 9.48 14.39
N GLU B 8 20.53 8.60 15.04
CA GLU B 8 20.75 7.16 14.98
C GLU B 8 19.45 6.42 14.67
N PRO B 9 19.53 5.22 14.04
CA PRO B 9 18.34 4.42 13.78
C PRO B 9 17.55 4.10 15.05
N ILE B 10 16.23 4.17 14.96
CA ILE B 10 15.35 3.85 16.09
C ILE B 10 15.17 2.34 16.15
N VAL B 11 15.79 1.72 17.16
CA VAL B 11 15.78 0.27 17.34
C VAL B 11 14.39 -0.21 17.73
N GLY B 12 13.84 -1.13 16.94
CA GLY B 12 12.50 -1.65 17.19
C GLY B 12 11.45 -1.04 16.29
N ALA B 13 11.66 0.21 15.88
CA ALA B 13 10.75 0.90 14.97
C ALA B 13 10.76 0.25 13.59
N GLU B 14 9.67 0.41 12.85
CA GLU B 14 9.56 -0.15 11.51
C GLU B 14 10.43 0.63 10.54
N THR B 15 11.11 -0.10 9.65
CA THR B 15 12.04 0.52 8.70
C THR B 15 11.48 0.45 7.29
N PHE B 16 11.20 1.62 6.74
CA PHE B 16 10.63 1.74 5.39
C PHE B 16 11.71 1.99 4.33
N TYR B 17 11.95 0.97 3.49
CA TYR B 17 12.83 1.12 2.34
C TYR B 17 12.04 1.72 1.18
N VAL B 18 12.45 2.93 0.80
CA VAL B 18 11.67 3.80 -0.08
C VAL B 18 12.35 3.97 -1.44
N ASP B 19 11.56 4.08 -2.50
CA ASP B 19 12.10 4.36 -3.84
C ASP B 19 11.09 4.88 -4.86
N GLY B 20 11.61 5.46 -5.94
CA GLY B 20 10.78 5.90 -7.05
C GLY B 20 11.49 5.67 -8.37
N ALA B 21 10.71 5.72 -9.44
CA ALA B 21 11.24 5.68 -10.80
C ALA B 21 10.22 6.29 -11.76
N ALA B 22 10.69 7.21 -12.59
CA ALA B 22 9.85 7.84 -13.59
C ALA B 22 10.48 7.68 -14.97
N ASN B 23 9.64 7.73 -15.99
CA ASN B 23 10.09 7.62 -17.37
C ASN B 23 10.00 9.00 -18.03
N ARG B 24 11.06 9.39 -18.74
CA ARG B 24 11.23 10.78 -19.20
C ARG B 24 10.20 11.23 -20.23
N GLU B 25 10.12 10.52 -21.36
CA GLU B 25 9.23 10.88 -22.46
C GLU B 25 7.76 10.60 -22.16
N THR B 26 7.50 9.70 -21.22
CA THR B 26 6.13 9.32 -20.86
C THR B 26 5.60 10.05 -19.61
N LYS B 27 6.54 10.51 -18.77
CA LYS B 27 6.22 11.18 -17.49
C LYS B 27 5.36 10.32 -16.55
N LEU B 28 5.44 9.00 -16.74
CA LEU B 28 4.73 8.03 -15.92
C LEU B 28 5.75 7.39 -14.98
N GLY B 29 5.39 7.25 -13.71
CA GLY B 29 6.25 6.63 -12.74
C GLY B 29 5.54 5.88 -11.62
N LYS B 30 6.32 5.27 -10.75
CA LYS B 30 5.80 4.58 -9.59
C LYS B 30 6.56 5.00 -8.35
N ALA B 31 5.82 5.27 -7.27
CA ALA B 31 6.40 5.49 -5.95
C ALA B 31 5.94 4.36 -5.02
N GLY B 32 6.89 3.73 -4.35
CA GLY B 32 6.57 2.61 -3.48
C GLY B 32 7.44 2.50 -2.25
N TYR B 33 7.12 1.52 -1.41
CA TYR B 33 7.96 1.18 -0.27
C TYR B 33 7.93 -0.31 0.08
N VAL B 34 8.89 -0.71 0.92
CA VAL B 34 9.04 -2.07 1.40
C VAL B 34 9.57 -1.96 2.81
N THR B 35 8.96 -2.67 3.77
CA THR B 35 9.39 -2.60 5.17
C THR B 35 9.99 -3.90 5.68
N ASN B 36 10.62 -3.83 6.85
CA ASN B 36 11.17 -5.00 7.52
C ASN B 36 10.13 -5.75 8.34
N LYS B 37 8.86 -5.50 8.05
CA LYS B 37 7.74 -6.19 8.70
C LYS B 37 6.80 -6.79 7.65
N GLY B 38 7.25 -6.83 6.40
CA GLY B 38 6.48 -7.39 5.30
C GLY B 38 5.45 -6.45 4.68
N ARG B 39 5.34 -5.25 5.23
CA ARG B 39 4.47 -4.21 4.67
C ARG B 39 5.05 -3.67 3.36
N GLN B 40 4.17 -3.50 2.37
CA GLN B 40 4.59 -3.24 1.00
C GLN B 40 3.55 -2.36 0.31
N LYS B 41 4.00 -1.50 -0.62
CA LYS B 41 3.08 -0.61 -1.36
C LYS B 41 3.69 -0.06 -2.65
N VAL B 42 2.88 -0.04 -3.71
CA VAL B 42 3.24 0.60 -4.97
C VAL B 42 2.08 1.48 -5.40
N VAL B 43 2.37 2.73 -5.76
CA VAL B 43 1.36 3.68 -6.21
C VAL B 43 1.75 4.30 -7.56
N PRO B 44 0.88 4.15 -8.59
CA PRO B 44 1.18 4.69 -9.92
C PRO B 44 1.00 6.21 -9.99
N LEU B 45 1.85 6.87 -10.77
CA LEU B 45 1.86 8.33 -10.87
C LEU B 45 1.85 8.82 -12.31
N THR B 46 1.05 9.85 -12.57
CA THR B 46 0.93 10.45 -13.90
C THR B 46 1.55 11.84 -13.92
N ASN B 47 2.24 12.17 -15.01
CA ASN B 47 2.85 13.48 -15.21
C ASN B 47 3.75 13.88 -14.04
N THR B 48 4.82 13.11 -13.86
CA THR B 48 5.69 13.23 -12.70
C THR B 48 7.16 13.19 -13.13
N THR B 49 8.07 13.39 -12.17
CA THR B 49 9.51 13.29 -12.42
C THR B 49 10.15 12.31 -11.44
N ASN B 50 11.38 11.89 -11.75
CA ASN B 50 12.15 11.00 -10.88
C ASN B 50 12.23 11.52 -9.45
N GLN B 51 12.52 12.82 -9.33
CA GLN B 51 12.64 13.46 -8.04
C GLN B 51 11.33 13.50 -7.27
N LYS B 52 10.23 13.66 -8.00
CA LYS B 52 8.89 13.70 -7.39
C LYS B 52 8.42 12.34 -6.89
N THR B 53 8.84 11.27 -7.58
CA THR B 53 8.51 9.90 -7.16
C THR B 53 9.19 9.54 -5.84
N GLU B 54 10.45 9.94 -5.70
CA GLU B 54 11.22 9.71 -4.46
C GLU B 54 10.59 10.39 -3.25
N LEU B 55 10.07 11.61 -3.47
CA LEU B 55 9.39 12.40 -2.45
C LEU B 55 8.02 11.83 -2.11
N GLN B 56 7.33 11.31 -3.13
CA GLN B 56 6.05 10.63 -2.95
C GLN B 56 6.23 9.34 -2.15
N ALA B 57 7.32 8.64 -2.42
CA ALA B 57 7.66 7.41 -1.70
C ALA B 57 7.84 7.68 -0.21
N ILE B 58 8.56 8.75 0.12
CA ILE B 58 8.77 9.15 1.51
C ILE B 58 7.46 9.64 2.16
N TYR B 59 6.61 10.26 1.35
CA TYR B 59 5.30 10.72 1.82
C TYR B 59 4.40 9.55 2.22
N LEU B 60 4.40 8.52 1.37
CA LEU B 60 3.67 7.28 1.63
C LEU B 60 4.14 6.64 2.93
N ALA B 61 5.45 6.42 3.02
CA ALA B 61 6.07 5.84 4.20
C ALA B 61 5.66 6.59 5.47
N LEU B 62 5.65 7.91 5.41
CA LEU B 62 5.24 8.74 6.54
C LEU B 62 3.75 8.62 6.84
N GLN B 63 2.95 8.37 5.81
CA GLN B 63 1.51 8.20 5.99
C GLN B 63 1.17 6.87 6.65
N ASP B 64 1.83 5.81 6.20
CA ASP B 64 1.49 4.44 6.60
C ASP B 64 2.28 3.92 7.81
N SER B 65 2.88 4.83 8.56
CA SER B 65 3.78 4.45 9.65
C SER B 65 3.36 5.02 10.99
N GLY B 66 3.79 4.37 12.06
CA GLY B 66 3.52 4.83 13.42
C GLY B 66 4.28 6.10 13.77
N LEU B 67 4.17 6.51 15.03
CA LEU B 67 4.77 7.76 15.51
C LEU B 67 6.30 7.75 15.56
N GLU B 68 6.90 6.56 15.42
CA GLU B 68 8.36 6.41 15.36
C GLU B 68 8.74 5.63 14.10
N VAL B 69 9.60 6.20 13.27
CA VAL B 69 9.97 5.57 11.99
C VAL B 69 11.41 5.69 11.53
N ASN B 70 11.89 4.63 10.90
CA ASN B 70 13.13 4.65 10.13
C ASN B 70 12.77 4.64 8.65
N ILE B 71 13.46 5.48 7.88
CA ILE B 71 13.27 5.55 6.43
C ILE B 71 14.62 5.55 5.71
N VAL B 72 14.76 4.66 4.73
CA VAL B 72 15.98 4.55 3.95
C VAL B 72 15.71 4.92 2.48
N THR B 73 16.43 5.93 1.98
CA THR B 73 16.29 6.42 0.60
C THR B 73 17.58 6.20 -0.19
N ASP B 74 17.48 6.24 -1.52
CA ASP B 74 18.66 6.37 -2.37
C ASP B 74 18.70 7.76 -3.04
N SER B 75 17.91 8.69 -2.51
CA SER B 75 17.72 10.02 -3.10
C SER B 75 18.39 11.14 -2.32
N GLN B 76 19.51 11.63 -2.86
CA GLN B 76 20.22 12.77 -2.29
C GLN B 76 19.37 14.04 -2.33
N TYR B 77 18.63 14.21 -3.43
CA TYR B 77 17.70 15.31 -3.64
C TYR B 77 16.73 15.44 -2.47
N ALA B 78 16.08 14.33 -2.14
CA ALA B 78 15.09 14.26 -1.05
C ALA B 78 15.72 14.47 0.32
N LEU B 79 16.91 13.88 0.51
CA LEU B 79 17.64 13.96 1.76
C LEU B 79 17.98 15.41 2.11
N GLY B 80 18.44 16.16 1.11
CA GLY B 80 18.77 17.57 1.26
C GLY B 80 17.60 18.38 1.78
N ILE B 81 16.48 18.29 1.08
CA ILE B 81 15.24 18.98 1.45
C ILE B 81 14.87 18.73 2.91
N ILE B 82 14.69 17.47 3.26
CA ILE B 82 14.25 17.06 4.59
C ILE B 82 15.25 17.45 5.69
N GLN B 83 16.54 17.24 5.42
CA GLN B 83 17.59 17.59 6.38
C GLN B 83 17.73 19.10 6.59
N ALA B 84 17.43 19.89 5.56
CA ALA B 84 17.45 21.34 5.65
C ALA B 84 16.35 21.87 6.59
N GLN B 85 15.31 21.05 6.80
CA GLN B 85 14.18 21.38 7.69
C GLN B 85 13.58 22.76 7.41
N PRO B 86 12.93 22.93 6.24
CA PRO B 86 12.33 24.24 5.94
C PRO B 86 11.05 24.46 6.73
N ASP B 87 10.52 25.69 6.67
CA ASP B 87 9.22 25.99 7.24
C ASP B 87 8.13 25.62 6.23
N LYS B 88 8.06 26.38 5.14
CA LYS B 88 7.19 26.05 4.03
C LYS B 88 7.95 26.08 2.70
N SER B 89 7.53 25.21 1.78
CA SER B 89 8.14 25.12 0.46
C SER B 89 7.16 25.62 -0.60
N GLU B 90 7.67 25.91 -1.79
CA GLU B 90 6.83 26.25 -2.93
C GLU B 90 6.36 24.99 -3.66
N SER B 91 6.49 23.85 -2.98
CA SER B 91 5.97 22.59 -3.46
C SER B 91 4.92 22.08 -2.48
N GLU B 92 3.73 21.79 -3.01
CA GLU B 92 2.64 21.24 -2.21
C GLU B 92 3.08 19.93 -1.58
N LEU B 93 3.73 19.08 -2.38
CA LEU B 93 4.21 17.77 -1.94
C LEU B 93 5.18 17.87 -0.76
N VAL B 94 6.12 18.81 -0.83
CA VAL B 94 7.13 18.99 0.23
C VAL B 94 6.47 19.47 1.53
N ASN B 95 5.51 20.40 1.40
CA ASN B 95 4.75 20.88 2.55
C ASN B 95 4.02 19.76 3.26
N GLN B 96 3.44 18.85 2.47
CA GLN B 96 2.74 17.67 2.98
C GLN B 96 3.68 16.75 3.75
N ILE B 97 4.93 16.63 3.27
CA ILE B 97 5.96 15.86 3.95
C ILE B 97 6.36 16.53 5.29
N ILE B 98 6.59 17.85 5.26
CA ILE B 98 6.89 18.62 6.47
C ILE B 98 5.76 18.46 7.49
N GLU B 99 4.54 18.42 6.99
CA GLU B 99 3.34 18.24 7.80
C GLU B 99 3.41 16.92 8.58
N GLN B 100 3.65 15.82 7.85
CA GLN B 100 3.74 14.49 8.45
C GLN B 100 4.88 14.37 9.46
N LEU B 101 6.02 14.98 9.13
CA LEU B 101 7.22 14.92 9.97
C LEU B 101 7.06 15.57 11.34
N ILE B 102 6.20 16.59 11.41
CA ILE B 102 5.91 17.27 12.68
C ILE B 102 5.02 16.40 13.56
N LYS B 103 4.12 15.65 12.94
CA LYS B 103 3.23 14.72 13.66
C LYS B 103 3.99 13.56 14.30
N LYS B 104 5.16 13.23 13.75
CA LYS B 104 5.98 12.11 14.25
C LYS B 104 6.68 12.45 15.57
N GLU B 105 6.88 11.43 16.39
CA GLU B 105 7.61 11.60 17.65
C GLU B 105 9.11 11.41 17.46
N LYS B 106 9.47 10.42 16.63
CA LYS B 106 10.85 10.13 16.28
C LYS B 106 10.93 9.73 14.82
N VAL B 107 11.84 10.33 14.08
CA VAL B 107 12.03 9.96 12.67
C VAL B 107 13.51 9.95 12.26
N TYR B 108 13.95 8.80 11.74
CA TYR B 108 15.32 8.64 11.27
C TYR B 108 15.36 8.45 9.77
N LEU B 109 16.01 9.38 9.09
CA LEU B 109 16.16 9.34 7.63
C LEU B 109 17.60 8.98 7.28
N ALA B 110 17.79 7.88 6.58
CA ALA B 110 19.13 7.45 6.17
C ALA B 110 19.23 7.33 4.65
N TRP B 111 20.42 7.59 4.13
CA TRP B 111 20.65 7.48 2.70
C TRP B 111 21.47 6.23 2.38
N VAL B 112 21.17 5.66 1.22
CA VAL B 112 21.86 4.47 0.73
C VAL B 112 22.08 4.66 -0.77
N PRO B 113 23.21 4.16 -1.30
CA PRO B 113 23.41 4.23 -2.75
C PRO B 113 22.53 3.24 -3.49
N ALA B 114 21.94 3.70 -4.58
CA ALA B 114 21.15 2.84 -5.46
C ALA B 114 22.01 1.78 -6.15
N HIS B 115 21.46 0.58 -6.30
CA HIS B 115 22.12 -0.53 -7.00
C HIS B 115 23.52 -0.85 -6.47
N LYS B 116 23.59 -1.11 -5.17
CA LYS B 116 24.82 -1.54 -4.50
C LYS B 116 24.55 -2.77 -3.63
N GLY B 117 23.39 -3.38 -3.83
CA GLY B 117 23.02 -4.62 -3.14
C GLY B 117 22.66 -4.48 -1.68
N ILE B 118 22.00 -3.38 -1.32
CA ILE B 118 21.39 -3.23 0.00
C ILE B 118 20.00 -3.87 -0.07
N GLY B 119 19.76 -4.84 0.81
CA GLY B 119 18.55 -5.68 0.80
C GLY B 119 17.25 -5.00 0.42
N GLY B 120 16.77 -4.11 1.27
CA GLY B 120 15.49 -3.44 1.08
C GLY B 120 15.45 -2.49 -0.11
N ASN B 121 16.56 -1.81 -0.38
CA ASN B 121 16.65 -0.86 -1.50
C ASN B 121 16.43 -1.51 -2.86
N GLU B 122 16.97 -2.71 -3.05
CA GLU B 122 16.80 -3.46 -4.30
C GLU B 122 15.39 -4.05 -4.43
N GLN B 123 14.83 -4.52 -3.32
CA GLN B 123 13.47 -5.08 -3.30
C GLN B 123 12.44 -4.07 -3.79
N VAL B 124 12.52 -2.84 -3.26
CA VAL B 124 11.61 -1.76 -3.62
C VAL B 124 11.93 -1.19 -5.00
N ASP B 125 13.20 -1.30 -5.42
CA ASP B 125 13.64 -0.88 -6.74
C ASP B 125 13.00 -1.73 -7.84
N LYS B 126 13.05 -3.06 -7.68
CA LYS B 126 12.44 -3.99 -8.65
C LYS B 126 10.93 -3.80 -8.72
N LEU B 127 10.31 -3.49 -7.58
CA LEU B 127 8.88 -3.24 -7.51
C LEU B 127 8.47 -1.98 -8.26
N VAL B 128 9.29 -0.95 -8.11
CA VAL B 128 8.98 0.39 -8.61
C VAL B 128 9.40 0.61 -10.06
N SER B 129 10.50 -0.04 -10.47
CA SER B 129 11.00 0.11 -11.84
C SER B 129 10.46 -0.95 -12.81
N ALA B 130 9.55 -1.79 -12.33
CA ALA B 130 8.87 -2.78 -13.17
C ALA B 130 7.89 -2.09 -14.13
N GLY B 131 8.24 -2.08 -15.42
CA GLY B 131 7.41 -1.47 -16.45
C GLY B 131 7.82 -0.06 -16.86
N ILE B 132 8.44 0.67 -15.92
CA ILE B 132 8.82 2.07 -16.15
C ILE B 132 10.11 2.19 -16.96
MN MN C . -4.21 -17.28 -1.86
MN MN D . -7.57 -16.46 -1.07
C LP9 E . -8.62 -21.66 0.86
N LP9 E . -8.82 -19.11 -0.10
O LP9 E . -6.21 -23.03 0.35
C1 LP9 E . -9.79 -20.93 1.08
C2 LP9 E . -9.87 -19.63 0.57
C3 LP9 E . -7.68 -19.80 -0.33
C4 LP9 E . -7.54 -21.11 0.16
N5 LP9 E . -6.64 -19.27 -1.02
C6 LP9 E . -5.46 -19.87 -1.30
C7 LP9 E . -5.31 -21.17 -0.82
C8 LP9 E . -6.35 -21.78 -0.10
C9 LP9 E . -4.05 -21.94 -1.06
O10 LP9 E . -4.01 -22.99 -1.68
O11 LP9 E . -4.49 -19.28 -1.98
O12 LP9 E . -6.83 -17.96 -1.48
O13 LP9 E . -10.85 -21.39 1.75
C14 LP9 E . -10.69 -21.83 3.01
C15 LP9 E . -9.92 -21.07 3.90
C16 LP9 E . -9.73 -21.51 5.21
C17 LP9 E . -10.30 -22.69 5.71
C18 LP9 E . -11.07 -23.42 4.79
C19 LP9 E . -11.27 -23.01 3.47
N20 LP9 E . -10.12 -23.10 6.98
C21 LP9 E . -10.65 -22.37 8.13
C22 LP9 E . -12.17 -22.51 8.26
C23 LP9 E . -9.35 -24.31 7.31
C24 LP9 E . -7.87 -24.19 6.94
O25 LP9 E . -3.04 -21.29 -0.49
C26 LP9 E . -0.83 -20.51 -1.14
C27 LP9 E . -1.69 -21.73 -0.80
C LP9 F . 19.05 8.09 -9.80
N LP9 F . 17.26 7.18 -7.95
O LP9 F . 19.96 6.27 -11.71
C1 LP9 F . 18.56 8.97 -8.82
C2 LP9 F . 17.64 8.48 -7.89
C3 LP9 F . 17.72 6.33 -8.89
C4 LP9 F . 18.63 6.76 -9.85
N5 LP9 F . 17.32 5.04 -8.93
C6 LP9 F . 17.72 4.11 -9.83
C7 LP9 F . 18.63 4.54 -10.79
C8 LP9 F . 19.09 5.85 -10.80
C9 LP9 F . 19.15 3.59 -11.83
O10 LP9 F . 18.46 3.12 -12.71
O11 LP9 F . 17.29 2.85 -9.81
O12 LP9 F . 16.41 4.67 -7.95
O13 LP9 F . 18.91 10.25 -8.74
C14 LP9 F . 18.74 10.99 -9.84
C15 LP9 F . 17.49 10.95 -10.49
C16 LP9 F . 17.28 11.69 -11.64
C17 LP9 F . 18.26 12.52 -12.21
C18 LP9 F . 19.49 12.54 -11.53
C19 LP9 F . 19.74 11.79 -10.37
N20 LP9 F . 18.05 13.25 -13.33
C21 LP9 F . 17.00 14.27 -13.42
C22 LP9 F . 15.69 13.75 -14.07
C23 LP9 F . 18.86 13.08 -14.54
C24 LP9 F . 19.11 11.62 -14.92
O25 LP9 F . 20.45 3.37 -11.61
C26 LP9 F . 22.73 2.88 -12.28
C27 LP9 F . 21.34 3.37 -12.76
MN MN G . 15.62 2.72 -8.13
MN MN H . 15.80 6.05 -6.38
#